data_4V1L
#
_entry.id   4V1L
#
_cell.length_a   102.250
_cell.length_b   102.525
_cell.length_c   109.460
_cell.angle_alpha   90.00
_cell.angle_beta   90.00
_cell.angle_gamma   90.00
#
_symmetry.space_group_name_H-M   'I 21 21 21'
#
loop_
_entity.id
_entity.type
_entity.pdbx_description
1 polymer 'CARBOHYDRATE BINDING MODULE'
2 non-polymer 'HEXAETHYLENE GLYCOL'
3 non-polymer GLYCEROL
4 non-polymer 'TRIETHYLENE GLYCOL'
5 non-polymer 'TETRAETHYLENE GLYCOL'
6 water water
#
_entity_poly.entity_id   1
_entity_poly.type   'polypeptide(L)'
_entity_poly.pdbx_seq_one_letter_code
;MASDGYTIKPNKKVTYSALGEDERMIGFSYKDFGISSSEKITEVQVNISANKNIGKYVGQFGTSTTDSANGYWAMGDEIT
QSISGNSGTITWKVPSDISSIIQTQYGGEIKFGVWWIDCDEFTIDSVVLKLEHHHHHH
;
_entity_poly.pdbx_strand_id   A,B,C
#
# COMPACT_ATOMS: atom_id res chain seq x y z
N SER A 3 -14.81 31.90 -20.40
CA SER A 3 -14.27 30.58 -20.84
C SER A 3 -14.69 29.45 -19.91
N ASP A 4 -14.24 28.25 -20.23
CA ASP A 4 -14.67 27.01 -19.57
C ASP A 4 -13.53 26.24 -18.86
N GLY A 5 -12.35 26.84 -18.83
CA GLY A 5 -11.27 26.27 -18.13
C GLY A 5 -9.94 26.99 -18.26
N TYR A 6 -9.02 26.57 -17.41
CA TYR A 6 -7.67 27.15 -17.30
C TYR A 6 -6.66 26.04 -17.12
N THR A 7 -5.49 26.25 -17.68
CA THR A 7 -4.40 25.30 -17.53
C THR A 7 -3.16 26.01 -16.98
N ILE A 8 -2.44 25.36 -16.06
CA ILE A 8 -1.04 25.72 -15.79
C ILE A 8 -0.11 24.59 -16.20
N LYS A 9 1.14 24.93 -16.49
CA LYS A 9 2.14 23.94 -16.89
C LYS A 9 3.34 24.09 -15.96
N PRO A 10 3.30 23.45 -14.81
CA PRO A 10 4.35 23.71 -13.81
C PRO A 10 5.65 22.93 -14.02
N ASN A 11 5.62 21.90 -14.87
CA ASN A 11 6.79 21.05 -15.12
C ASN A 11 7.47 20.68 -13.81
N LYS A 12 6.66 20.21 -12.88
CA LYS A 12 7.15 19.97 -11.52
C LYS A 12 7.54 18.51 -11.31
N LYS A 13 8.82 18.26 -11.03
CA LYS A 13 9.31 16.91 -10.81
CA LYS A 13 9.31 16.91 -10.79
C LYS A 13 8.96 16.52 -9.37
N VAL A 14 8.41 15.34 -9.21
CA VAL A 14 8.07 14.85 -7.88
C VAL A 14 8.70 13.47 -7.70
N THR A 15 9.34 13.24 -6.55
CA THR A 15 9.85 11.90 -6.19
C THR A 15 9.09 11.50 -4.91
N TYR A 16 8.13 10.60 -5.06
CA TYR A 16 7.23 10.25 -3.98
C TYR A 16 8.03 9.83 -2.73
N SER A 17 9.02 8.95 -2.92
CA SER A 17 9.81 8.44 -1.81
C SER A 17 10.60 9.53 -1.10
N ALA A 18 10.81 10.69 -1.70
CA ALA A 18 11.57 11.75 -1.03
C ALA A 18 10.64 12.68 -0.25
N LEU A 19 9.33 12.53 -0.40
CA LEU A 19 8.38 13.38 0.34
C LEU A 19 8.21 12.96 1.81
N GLY A 20 8.30 13.92 2.72
CA GLY A 20 8.03 13.64 4.15
C GLY A 20 6.53 13.44 4.33
N GLU A 21 6.15 12.92 5.50
CA GLU A 21 4.75 12.66 5.82
C GLU A 21 3.86 13.87 5.72
N ASP A 22 4.44 15.04 5.95
CA ASP A 22 3.75 16.31 5.88
C ASP A 22 3.88 17.01 4.54
N GLU A 23 4.47 16.34 3.55
CA GLU A 23 4.76 16.94 2.27
C GLU A 23 4.09 16.24 1.11
N ARG A 24 3.13 15.34 1.39
CA ARG A 24 2.56 14.54 0.31
C ARG A 24 1.44 15.24 -0.47
N MET A 25 1.07 16.48 -0.08
CA MET A 25 0.13 17.24 -0.90
C MET A 25 0.85 18.38 -1.58
N ILE A 26 0.82 18.35 -2.91
CA ILE A 26 1.53 19.32 -3.72
CA ILE A 26 1.53 19.30 -3.72
C ILE A 26 0.57 20.44 -4.09
N GLY A 27 0.89 21.66 -3.68
CA GLY A 27 -0.03 22.77 -3.81
C GLY A 27 0.24 23.67 -5.01
N PHE A 28 -0.84 24.19 -5.61
CA PHE A 28 -0.76 25.18 -6.67
C PHE A 28 -1.72 26.29 -6.31
N SER A 29 -1.21 27.52 -6.33
CA SER A 29 -2.05 28.68 -6.04
C SER A 29 -3.08 28.90 -7.16
N TYR A 30 -4.35 29.11 -6.81
CA TYR A 30 -5.35 29.39 -7.80
C TYR A 30 -5.01 30.64 -8.62
N LYS A 31 -4.29 31.60 -8.01
CA LYS A 31 -3.93 32.80 -8.74
C LYS A 31 -3.07 32.51 -9.97
N ASP A 32 -2.34 31.40 -9.95
CA ASP A 32 -1.52 31.01 -11.10
C ASP A 32 -2.37 30.67 -12.32
N PHE A 33 -3.63 30.31 -12.12
CA PHE A 33 -4.53 29.90 -13.23
C PHE A 33 -5.19 31.07 -13.93
N GLY A 34 -5.49 32.14 -13.19
CA GLY A 34 -6.22 33.29 -13.75
C GLY A 34 -7.73 33.18 -13.59
N ILE A 35 -8.18 32.18 -12.84
CA ILE A 35 -9.59 31.97 -12.57
C ILE A 35 -10.24 33.17 -11.85
N SER A 36 -11.48 33.49 -12.24
CA SER A 36 -12.28 34.53 -11.59
C SER A 36 -13.04 33.93 -10.39
N SER A 37 -13.26 34.75 -9.37
CA SER A 37 -14.10 34.34 -8.24
C SER A 37 -15.55 34.08 -8.66
N SER A 38 -15.97 34.48 -9.87
CA SER A 38 -17.31 34.20 -10.36
C SER A 38 -17.48 32.77 -10.91
N GLU A 39 -16.38 32.06 -11.09
CA GLU A 39 -16.40 30.79 -11.84
C GLU A 39 -16.36 29.61 -10.90
N LYS A 40 -17.10 28.57 -11.24
CA LYS A 40 -17.20 27.41 -10.39
CA LYS A 40 -17.19 27.39 -10.41
C LYS A 40 -16.43 26.23 -11.03
N ILE A 41 -15.57 25.57 -10.26
CA ILE A 41 -14.78 24.45 -10.75
C ILE A 41 -15.55 23.13 -10.63
N THR A 42 -15.67 22.38 -11.71
CA THR A 42 -16.36 21.09 -11.70
C THR A 42 -15.41 19.93 -11.73
N GLU A 43 -14.22 20.15 -12.28
CA GLU A 43 -13.25 19.07 -12.38
C GLU A 43 -11.82 19.59 -12.39
N VAL A 44 -10.92 18.85 -11.75
CA VAL A 44 -9.51 19.16 -11.76
C VAL A 44 -8.82 17.96 -12.40
N GLN A 45 -7.94 18.22 -13.36
CA GLN A 45 -7.17 17.18 -14.00
C GLN A 45 -5.69 17.44 -13.79
N VAL A 46 -4.97 16.40 -13.39
CA VAL A 46 -3.52 16.47 -13.27
C VAL A 46 -2.89 15.52 -14.26
N ASN A 47 -2.14 16.08 -15.19
CA ASN A 47 -1.49 15.34 -16.24
C ASN A 47 -0.04 15.10 -15.89
N ILE A 48 0.32 13.83 -15.79
CA ILE A 48 1.64 13.44 -15.36
C ILE A 48 2.34 12.54 -16.38
N SER A 49 3.67 12.53 -16.30
CA SER A 49 4.49 11.67 -17.13
C SER A 49 5.68 11.16 -16.32
N ALA A 50 6.30 10.11 -16.83
CA ALA A 50 7.45 9.52 -16.18
C ALA A 50 8.34 8.87 -17.21
N ASN A 51 9.55 8.47 -16.80
CA ASN A 51 10.47 7.82 -17.73
CA ASN A 51 10.48 7.82 -17.74
C ASN A 51 10.26 6.30 -17.80
N LYS A 52 9.25 5.81 -17.09
CA LYS A 52 8.85 4.41 -17.18
C LYS A 52 7.35 4.33 -16.93
N ASN A 53 6.79 3.13 -17.03
CA ASN A 53 5.36 2.95 -16.86
C ASN A 53 4.95 3.42 -15.46
N ILE A 54 3.90 4.21 -15.40
CA ILE A 54 3.53 4.87 -14.15
C ILE A 54 2.97 3.87 -13.14
N GLY A 55 2.08 2.99 -13.61
CA GLY A 55 1.41 2.06 -12.69
C GLY A 55 0.33 2.73 -11.86
N LYS A 56 0.16 2.25 -10.63
CA LYS A 56 -0.91 2.74 -9.77
C LYS A 56 -0.55 3.98 -8.97
N TYR A 57 -1.50 4.91 -8.97
CA TYR A 57 -1.55 6.09 -8.13
C TYR A 57 -2.69 5.95 -7.14
N VAL A 58 -2.43 6.35 -5.90
CA VAL A 58 -3.45 6.50 -4.90
C VAL A 58 -3.27 7.86 -4.26
N GLY A 59 -4.36 8.62 -4.13
CA GLY A 59 -4.25 9.93 -3.50
C GLY A 59 -5.59 10.61 -3.35
N GLN A 60 -5.53 11.88 -3.02
CA GLN A 60 -6.70 12.71 -2.77
C GLN A 60 -6.36 14.15 -3.10
N PHE A 61 -7.37 14.92 -3.48
CA PHE A 61 -7.22 16.34 -3.66
C PHE A 61 -7.75 17.09 -2.45
N GLY A 62 -7.21 18.28 -2.23
CA GLY A 62 -7.73 19.20 -1.25
C GLY A 62 -7.77 20.61 -1.82
N THR A 63 -8.56 21.47 -1.19
CA THR A 63 -8.71 22.83 -1.68
C THR A 63 -9.02 23.78 -0.51
N SER A 64 -8.49 24.99 -0.63
CA SER A 64 -8.94 26.10 0.17
C SER A 64 -10.43 26.35 -0.09
N THR A 65 -11.14 26.75 0.95
CA THR A 65 -12.56 27.12 0.85
C THR A 65 -12.83 28.38 1.66
N THR A 66 -14.04 28.91 1.51
CA THR A 66 -14.48 30.07 2.26
C THR A 66 -15.15 29.71 3.58
N ASP A 67 -15.15 28.44 3.94
CA ASP A 67 -15.95 27.94 5.05
C ASP A 67 -15.11 27.99 6.33
N SER A 68 -15.20 29.14 7.01
CA SER A 68 -14.41 29.36 8.24
CA SER A 68 -14.43 29.37 8.25
C SER A 68 -14.67 28.31 9.30
N ALA A 69 -15.91 27.85 9.40
CA ALA A 69 -16.24 26.88 10.43
C ALA A 69 -15.58 25.52 10.20
N ASN A 70 -15.19 25.24 8.97
CA ASN A 70 -14.54 23.99 8.64
C ASN A 70 -13.06 24.26 8.23
N GLY A 71 -12.51 25.30 8.83
CA GLY A 71 -11.08 25.57 8.70
C GLY A 71 -10.59 25.97 7.34
N TYR A 72 -11.51 26.46 6.50
CA TYR A 72 -11.18 26.95 5.19
C TYR A 72 -10.53 25.91 4.29
N TRP A 73 -10.92 24.65 4.46
CA TRP A 73 -10.26 23.54 3.79
C TRP A 73 -11.25 22.39 3.59
N ALA A 74 -11.16 21.74 2.45
CA ALA A 74 -11.94 20.52 2.17
C ALA A 74 -11.11 19.56 1.34
N MET A 75 -11.39 18.27 1.50
CA MET A 75 -10.77 17.23 0.67
C MET A 75 -11.78 16.39 -0.07
N GLY A 76 -11.39 15.92 -1.24
CA GLY A 76 -12.20 15.01 -2.01
C GLY A 76 -11.96 13.56 -1.62
N ASP A 77 -12.69 12.67 -2.27
CA ASP A 77 -12.59 11.23 -2.06
C ASP A 77 -11.22 10.71 -2.50
N GLU A 78 -10.82 9.60 -1.90
CA GLU A 78 -9.63 8.91 -2.37
C GLU A 78 -9.82 8.42 -3.79
N ILE A 79 -8.76 8.54 -4.57
CA ILE A 79 -8.72 8.11 -5.97
C ILE A 79 -7.63 7.07 -6.12
N THR A 80 -7.99 5.96 -6.76
CA THR A 80 -7.01 4.96 -7.17
C THR A 80 -7.10 4.90 -8.68
N GLN A 81 -5.96 5.01 -9.33
CA GLN A 81 -5.93 4.91 -10.77
C GLN A 81 -4.68 4.23 -11.29
N SER A 82 -4.84 3.38 -12.29
CA SER A 82 -3.71 2.72 -12.90
C SER A 82 -3.44 3.36 -14.26
N ILE A 83 -2.21 3.78 -14.48
CA ILE A 83 -1.77 4.34 -15.77
C ILE A 83 -0.81 3.36 -16.41
N SER A 84 -1.17 2.81 -17.57
CA SER A 84 -0.41 1.67 -18.07
C SER A 84 0.89 2.08 -18.74
N GLY A 85 0.93 3.28 -19.32
CA GLY A 85 2.15 3.78 -20.02
C GLY A 85 2.91 4.86 -19.27
N ASN A 86 3.65 5.69 -20.01
CA ASN A 86 4.54 6.68 -19.43
C ASN A 86 3.87 8.03 -19.19
N SER A 87 2.58 8.15 -19.50
CA SER A 87 1.88 9.40 -19.24
C SER A 87 0.40 9.12 -19.07
N GLY A 88 -0.25 9.98 -18.29
CA GLY A 88 -1.66 9.78 -17.99
C GLY A 88 -2.22 10.93 -17.21
N THR A 89 -3.50 10.81 -16.86
CA THR A 89 -4.25 11.89 -16.28
C THR A 89 -5.00 11.41 -15.06
N ILE A 90 -4.89 12.15 -13.96
CA ILE A 90 -5.66 11.91 -12.75
C ILE A 90 -6.76 12.95 -12.69
N THR A 91 -8.01 12.49 -12.57
CA THR A 91 -9.17 13.41 -12.58
C THR A 91 -9.91 13.42 -11.27
N TRP A 92 -10.15 14.61 -10.72
CA TRP A 92 -11.04 14.80 -9.59
C TRP A 92 -12.33 15.46 -10.08
N LYS A 93 -13.44 14.74 -9.97
CA LYS A 93 -14.76 15.33 -10.19
C LYS A 93 -15.16 16.01 -8.87
N VAL A 94 -15.21 17.33 -8.89
CA VAL A 94 -15.41 18.09 -7.64
C VAL A 94 -16.89 18.05 -7.25
N PRO A 95 -17.18 17.60 -6.04
CA PRO A 95 -18.57 17.60 -5.60
C PRO A 95 -19.15 19.01 -5.50
N SER A 96 -20.45 19.14 -5.75
CA SER A 96 -21.10 20.46 -5.81
CA SER A 96 -21.11 20.44 -5.80
C SER A 96 -20.96 21.22 -4.52
N ASP A 97 -21.03 20.54 -3.38
CA ASP A 97 -20.91 21.26 -2.12
C ASP A 97 -19.50 21.85 -1.92
N ILE A 98 -18.47 21.17 -2.40
CA ILE A 98 -17.13 21.75 -2.35
C ILE A 98 -16.95 22.83 -3.39
N SER A 99 -17.34 22.55 -4.63
CA SER A 99 -17.23 23.53 -5.72
CA SER A 99 -17.26 23.53 -5.71
C SER A 99 -17.86 24.88 -5.32
N SER A 100 -18.99 24.85 -4.62
CA SER A 100 -19.68 26.10 -4.26
C SER A 100 -18.95 26.94 -3.25
N ILE A 101 -17.96 26.38 -2.55
CA ILE A 101 -17.23 27.15 -1.53
C ILE A 101 -15.73 27.25 -1.78
N ILE A 102 -15.25 26.81 -2.93
CA ILE A 102 -13.79 26.92 -3.18
C ILE A 102 -13.36 28.38 -3.09
N GLN A 103 -12.23 28.60 -2.44
CA GLN A 103 -11.65 29.92 -2.30
C GLN A 103 -10.48 30.08 -3.23
N THR A 104 -10.69 30.81 -4.34
CA THR A 104 -9.60 31.06 -5.27
C THR A 104 -8.77 32.27 -4.93
N GLN A 105 -9.26 33.10 -4.01
CA GLN A 105 -8.64 34.37 -3.70
C GLN A 105 -7.77 34.27 -2.47
N TYR A 106 -6.97 35.31 -2.27
CA TYR A 106 -6.22 35.52 -1.00
C TYR A 106 -5.35 34.34 -0.66
N GLY A 107 -4.73 33.77 -1.69
CA GLY A 107 -3.76 32.71 -1.49
C GLY A 107 -4.33 31.31 -1.51
N GLY A 108 -5.61 31.18 -1.84
CA GLY A 108 -6.22 29.87 -1.95
C GLY A 108 -5.48 28.97 -2.92
N GLU A 109 -5.44 27.68 -2.61
CA GLU A 109 -4.71 26.66 -3.37
C GLU A 109 -5.56 25.44 -3.64
N ILE A 110 -5.22 24.76 -4.74
CA ILE A 110 -5.62 23.39 -5.04
C ILE A 110 -4.41 22.50 -4.71
N LYS A 111 -4.64 21.40 -3.99
CA LYS A 111 -3.56 20.51 -3.58
C LYS A 111 -3.79 19.09 -4.11
N PHE A 112 -2.74 18.55 -4.68
CA PHE A 112 -2.71 17.21 -5.27
C PHE A 112 -1.93 16.28 -4.34
N GLY A 113 -2.67 15.41 -3.67
CA GLY A 113 -2.11 14.51 -2.68
C GLY A 113 -1.69 13.21 -3.35
N VAL A 114 -0.46 12.78 -3.06
CA VAL A 114 0.07 11.51 -3.57
C VAL A 114 0.34 10.60 -2.39
N TRP A 115 -0.57 9.67 -2.12
CA TRP A 115 -0.38 8.75 -1.02
C TRP A 115 0.52 7.56 -1.43
N TRP A 116 0.55 7.29 -2.73
CA TRP A 116 1.38 6.23 -3.31
C TRP A 116 1.42 6.41 -4.80
N ILE A 117 2.56 6.09 -5.43
CA ILE A 117 2.63 5.95 -6.88
C ILE A 117 3.70 4.92 -7.20
N ASP A 118 3.35 3.94 -8.04
CA ASP A 118 4.25 2.82 -8.31
C ASP A 118 5.60 3.27 -8.90
N CYS A 119 5.58 4.18 -9.84
CA CYS A 119 6.81 4.61 -10.52
CA CYS A 119 6.79 4.65 -10.50
C CYS A 119 7.75 5.50 -9.68
N ASP A 120 7.31 5.98 -8.55
CA ASP A 120 8.11 6.85 -7.67
C ASP A 120 8.34 8.27 -8.18
N GLU A 121 9.11 8.41 -9.28
CA GLU A 121 9.46 9.69 -9.85
C GLU A 121 8.58 10.01 -11.05
N PHE A 122 8.02 11.20 -11.07
CA PHE A 122 7.15 11.60 -12.16
C PHE A 122 7.17 13.10 -12.23
N THR A 123 6.63 13.63 -13.32
CA THR A 123 6.52 15.06 -13.50
C THR A 123 5.06 15.43 -13.66
N ILE A 124 4.68 16.51 -13.00
CA ILE A 124 3.38 17.14 -13.20
C ILE A 124 3.54 18.09 -14.39
N ASP A 125 3.02 17.66 -15.53
CA ASP A 125 3.15 18.44 -16.76
C ASP A 125 2.14 19.57 -16.82
N SER A 126 0.91 19.30 -16.37
CA SER A 126 -0.11 20.34 -16.33
C SER A 126 -1.18 20.03 -15.30
N VAL A 127 -1.83 21.09 -14.86
CA VAL A 127 -3.00 21.01 -14.00
C VAL A 127 -4.07 21.82 -14.72
N VAL A 128 -5.25 21.21 -14.87
CA VAL A 128 -6.35 21.81 -15.63
C VAL A 128 -7.56 21.94 -14.74
N LEU A 129 -8.14 23.14 -14.70
CA LEU A 129 -9.45 23.38 -14.09
C LEU A 129 -10.50 23.43 -15.16
N LYS A 130 -11.58 22.65 -14.98
CA LYS A 130 -12.75 22.71 -15.84
C LYS A 130 -13.87 23.37 -15.07
N LEU A 131 -14.60 24.24 -15.74
CA LEU A 131 -15.59 25.07 -15.10
C LEU A 131 -16.99 24.64 -15.45
N GLU A 132 -17.91 24.94 -14.54
CA GLU A 132 -19.34 24.75 -14.81
C GLU A 132 -19.73 25.70 -15.92
N HIS A 133 -20.52 25.25 -16.89
CA HIS A 133 -20.96 26.11 -18.00
CA HIS A 133 -21.09 26.23 -17.84
C HIS A 133 -22.32 25.71 -18.55
N SER B 3 37.59 1.27 17.05
CA SER B 3 37.19 1.33 15.62
C SER B 3 35.95 2.16 15.45
N ASP B 4 35.46 2.23 14.21
CA ASP B 4 34.32 3.08 13.82
C ASP B 4 33.11 2.33 13.29
N GLY B 5 33.15 1.01 13.38
CA GLY B 5 31.99 0.26 13.07
C GLY B 5 32.21 -1.25 13.02
N TYR B 6 31.07 -1.94 12.96
CA TYR B 6 31.00 -3.40 13.02
C TYR B 6 30.04 -3.88 11.96
N THR B 7 30.37 -5.02 11.38
CA THR B 7 29.54 -5.64 10.37
C THR B 7 29.20 -7.08 10.74
N ILE B 8 27.94 -7.46 10.53
CA ILE B 8 27.57 -8.88 10.46
C ILE B 8 27.07 -9.24 9.06
N LYS B 9 27.22 -10.50 8.68
CA LYS B 9 26.83 -10.96 7.35
C LYS B 9 25.89 -12.13 7.55
N PRO B 10 24.61 -11.83 7.74
CA PRO B 10 23.69 -12.92 8.07
C PRO B 10 23.21 -13.77 6.87
N ASN B 11 23.35 -13.25 5.65
CA ASN B 11 22.88 -13.92 4.43
C ASN B 11 21.44 -14.44 4.64
N LYS B 12 20.59 -13.55 5.12
CA LYS B 12 19.25 -13.93 5.57
C LYS B 12 18.22 -13.64 4.51
N LYS B 13 17.63 -14.70 3.99
CA LYS B 13 16.62 -14.58 2.92
C LYS B 13 15.31 -14.16 3.59
N VAL B 14 14.67 -13.13 3.06
CA VAL B 14 13.42 -12.64 3.60
C VAL B 14 12.40 -12.62 2.46
N THR B 15 11.23 -13.17 2.73
CA THR B 15 10.11 -13.12 1.79
C THR B 15 9.02 -12.35 2.50
N TYR B 16 8.82 -11.10 2.11
CA TYR B 16 7.90 -10.22 2.79
C TYR B 16 6.51 -10.84 2.91
N SER B 17 6.04 -11.41 1.82
CA SER B 17 4.71 -11.99 1.78
C SER B 17 4.58 -13.21 2.67
N ALA B 18 5.67 -13.83 3.10
CA ALA B 18 5.58 -14.98 4.00
C ALA B 18 5.70 -14.59 5.47
N LEU B 19 5.95 -13.33 5.77
CA LEU B 19 6.01 -12.89 7.16
C LEU B 19 4.61 -12.75 7.77
N GLY B 20 4.42 -13.32 8.96
CA GLY B 20 3.19 -13.07 9.69
C GLY B 20 3.19 -11.63 10.22
N GLU B 21 2.02 -11.19 10.66
CA GLU B 21 1.84 -9.82 11.13
C GLU B 21 2.72 -9.48 12.32
N ASP B 22 3.09 -10.51 13.09
CA ASP B 22 3.99 -10.37 14.23
C ASP B 22 5.45 -10.63 13.91
N GLU B 23 5.78 -10.80 12.63
CA GLU B 23 7.12 -11.19 12.22
C GLU B 23 7.78 -10.17 11.29
N ARG B 24 7.20 -8.97 11.15
CA ARG B 24 7.72 -8.05 10.11
C ARG B 24 8.94 -7.26 10.57
N MET B 25 9.38 -7.45 11.82
CA MET B 25 10.62 -6.85 12.25
C MET B 25 11.63 -7.98 12.42
N ILE B 26 12.71 -7.86 11.68
CA ILE B 26 13.76 -8.87 11.70
CA ILE B 26 13.76 -8.87 11.68
C ILE B 26 14.84 -8.43 12.68
N GLY B 27 15.10 -9.24 13.69
CA GLY B 27 15.99 -8.84 14.79
C GLY B 27 17.39 -9.42 14.70
N PHE B 28 18.36 -8.64 15.14
CA PHE B 28 19.75 -9.07 15.25
C PHE B 28 20.22 -8.67 16.64
N SER B 29 20.83 -9.60 17.36
CA SER B 29 21.38 -9.32 18.68
C SER B 29 22.62 -8.44 18.57
N TYR B 30 22.69 -7.38 19.38
CA TYR B 30 23.88 -6.54 19.36
C TYR B 30 25.13 -7.34 19.70
N LYS B 31 24.98 -8.38 20.52
CA LYS B 31 26.16 -9.20 20.85
C LYS B 31 26.82 -9.85 19.63
N ASP B 32 26.05 -10.08 18.56
CA ASP B 32 26.61 -10.66 17.33
C ASP B 32 27.61 -9.71 16.67
N PHE B 33 27.50 -8.42 16.95
CA PHE B 33 28.40 -7.42 16.33
C PHE B 33 29.73 -7.27 17.05
N GLY B 34 29.74 -7.45 18.38
CA GLY B 34 30.95 -7.25 19.18
C GLY B 34 31.09 -5.84 19.72
N ILE B 35 30.04 -5.04 19.59
CA ILE B 35 30.04 -3.66 20.06
C ILE B 35 30.20 -3.55 21.60
N SER B 36 30.97 -2.56 22.04
CA SER B 36 31.20 -2.28 23.45
C SER B 36 30.10 -1.35 23.95
N SER B 37 29.75 -1.48 25.23
CA SER B 37 28.80 -0.55 25.84
C SER B 37 29.33 0.89 25.89
N SER B 38 30.63 1.11 25.66
CA SER B 38 31.21 2.46 25.64
C SER B 38 30.97 3.19 24.29
N GLU B 39 30.48 2.48 23.28
CA GLU B 39 30.43 3.01 21.91
C GLU B 39 29.02 3.45 21.58
N LYS B 40 28.89 4.56 20.88
CA LYS B 40 27.57 5.11 20.51
CA LYS B 40 27.59 5.09 20.53
C LYS B 40 27.32 4.87 19.03
N ILE B 41 26.14 4.37 18.71
CA ILE B 41 25.79 4.08 17.32
C ILE B 41 25.17 5.33 16.69
N THR B 42 25.70 5.76 15.54
CA THR B 42 25.15 6.90 14.82
C THR B 42 24.31 6.49 13.62
N GLU B 43 24.61 5.34 13.01
CA GLU B 43 23.82 4.84 11.86
C GLU B 43 23.79 3.35 11.85
N VAL B 44 22.69 2.83 11.32
CA VAL B 44 22.56 1.42 11.06
C VAL B 44 22.27 1.27 9.57
N GLN B 45 23.07 0.45 8.89
CA GLN B 45 22.92 0.25 7.47
C GLN B 45 22.57 -1.20 7.21
N VAL B 46 21.53 -1.41 6.42
CA VAL B 46 21.12 -2.74 6.03
C VAL B 46 21.31 -2.86 4.53
N ASN B 47 22.24 -3.74 4.15
CA ASN B 47 22.59 -3.97 2.75
C ASN B 47 21.85 -5.17 2.23
N ILE B 48 21.01 -4.94 1.21
CA ILE B 48 20.15 -5.98 0.69
C ILE B 48 20.35 -6.18 -0.80
N SER B 49 19.97 -7.36 -1.27
CA SER B 49 20.00 -7.68 -2.70
C SER B 49 18.82 -8.59 -3.05
N ALA B 50 18.52 -8.67 -4.34
CA ALA B 50 17.43 -9.47 -4.84
C ALA B 50 17.75 -9.96 -6.25
N ASN B 51 16.97 -10.89 -6.75
CA ASN B 51 17.18 -11.41 -8.09
CA ASN B 51 17.17 -11.41 -8.09
C ASN B 51 16.45 -10.58 -9.16
N LYS B 52 15.81 -9.51 -8.74
CA LYS B 52 15.22 -8.53 -9.67
C LYS B 52 15.28 -7.14 -9.03
N ASN B 53 14.81 -6.13 -9.74
CA ASN B 53 14.86 -4.76 -9.22
C ASN B 53 14.07 -4.66 -7.94
N ILE B 54 14.67 -4.05 -6.93
CA ILE B 54 14.09 -4.03 -5.61
C ILE B 54 12.86 -3.14 -5.54
N GLY B 55 12.95 -1.93 -6.08
CA GLY B 55 11.85 -0.98 -6.04
C GLY B 55 11.72 -0.34 -4.66
N LYS B 56 10.51 -0.05 -4.24
CA LYS B 56 10.28 0.65 -3.00
C LYS B 56 10.24 -0.24 -1.80
N TYR B 57 10.93 0.23 -0.78
CA TYR B 57 10.88 -0.30 0.58
C TYR B 57 10.19 0.72 1.48
N VAL B 58 9.34 0.24 2.38
CA VAL B 58 8.75 1.06 3.42
C VAL B 58 8.94 0.29 4.72
N GLY B 59 9.50 0.95 5.74
CA GLY B 59 9.69 0.30 7.01
C GLY B 59 10.23 1.22 8.06
N GLN B 60 10.60 0.64 9.18
CA GLN B 60 11.12 1.36 10.33
C GLN B 60 12.10 0.45 11.07
N PHE B 61 13.05 1.07 11.76
CA PHE B 61 13.93 0.37 12.65
C PHE B 61 13.42 0.52 14.08
N GLY B 62 13.79 -0.45 14.91
CA GLY B 62 13.55 -0.40 16.34
C GLY B 62 14.78 -0.91 17.09
N THR B 63 14.89 -0.55 18.37
CA THR B 63 16.01 -0.97 19.17
C THR B 63 15.59 -1.15 20.63
N SER B 64 16.20 -2.12 21.27
CA SER B 64 16.25 -2.19 22.71
C SER B 64 16.91 -0.92 23.26
N THR B 65 16.41 -0.46 24.41
CA THR B 65 17.00 0.68 25.13
C THR B 65 17.01 0.39 26.61
N THR B 66 17.67 1.27 27.35
CA THR B 66 17.71 1.24 28.81
C THR B 66 16.63 2.13 29.45
N ASP B 67 15.65 2.60 28.65
CA ASP B 67 14.65 3.60 29.07
C ASP B 67 13.40 2.85 29.53
N SER B 68 13.39 2.48 30.80
CA SER B 68 12.29 1.73 31.38
C SER B 68 10.96 2.43 31.23
N ALA B 69 10.97 3.77 31.27
CA ALA B 69 9.72 4.53 31.18
C ALA B 69 9.11 4.48 29.80
N ASN B 70 9.88 4.11 28.80
CA ASN B 70 9.40 3.96 27.44
C ASN B 70 9.51 2.48 27.00
N GLY B 71 9.38 1.58 27.99
CA GLY B 71 9.25 0.16 27.72
C GLY B 71 10.48 -0.52 27.13
N TYR B 72 11.64 0.10 27.36
CA TYR B 72 12.91 -0.47 26.92
C TYR B 72 12.98 -0.66 25.41
N TRP B 73 12.27 0.20 24.68
CA TRP B 73 12.12 0.04 23.24
C TRP B 73 11.91 1.41 22.59
N ALA B 74 12.58 1.62 21.47
CA ALA B 74 12.36 2.83 20.69
C ALA B 74 12.39 2.51 19.22
N MET B 75 11.56 3.23 18.46
CA MET B 75 11.52 3.07 17.00
C MET B 75 11.90 4.37 16.31
N GLY B 76 12.57 4.21 15.17
CA GLY B 76 12.95 5.36 14.37
C GLY B 76 11.79 5.75 13.45
N ASP B 77 12.02 6.81 12.71
CA ASP B 77 11.05 7.31 11.74
C ASP B 77 10.79 6.30 10.63
N GLU B 78 9.60 6.39 10.04
CA GLU B 78 9.32 5.58 8.85
C GLU B 78 10.22 6.02 7.74
N ILE B 79 10.71 5.04 7.01
CA ILE B 79 11.57 5.23 5.86
C ILE B 79 10.82 4.71 4.64
N THR B 80 10.78 5.53 3.58
CA THR B 80 10.35 5.09 2.25
C THR B 80 11.54 5.32 1.33
N GLN B 81 11.97 4.27 0.66
CA GLN B 81 13.14 4.38 -0.19
C GLN B 81 12.94 3.58 -1.44
N SER B 82 13.32 4.15 -2.56
CA SER B 82 13.29 3.42 -3.82
C SER B 82 14.71 2.98 -4.19
N ILE B 83 14.87 1.68 -4.46
CA ILE B 83 16.15 1.12 -4.89
C ILE B 83 15.94 0.69 -6.34
N SER B 84 16.68 1.30 -7.25
CA SER B 84 16.35 1.10 -8.66
C SER B 84 16.86 -0.23 -9.24
N GLY B 85 17.97 -0.75 -8.72
CA GLY B 85 18.54 -2.02 -9.21
C GLY B 85 18.37 -3.22 -8.26
N ASN B 86 19.27 -4.19 -8.37
CA ASN B 86 19.13 -5.47 -7.68
CA ASN B 86 19.11 -5.47 -7.66
C ASN B 86 19.82 -5.47 -6.31
N SER B 87 20.39 -4.34 -5.91
CA SER B 87 20.98 -4.24 -4.58
C SER B 87 20.95 -2.80 -4.11
N GLY B 88 20.95 -2.62 -2.81
CA GLY B 88 20.93 -1.29 -2.24
C GLY B 88 21.12 -1.32 -0.75
N THR B 89 21.05 -0.13 -0.17
CA THR B 89 21.33 0.05 1.24
C THR B 89 20.22 0.88 1.87
N ILE B 90 19.67 0.39 2.96
CA ILE B 90 18.71 1.14 3.75
C ILE B 90 19.43 1.64 5.01
N THR B 91 19.39 2.95 5.24
CA THR B 91 20.12 3.55 6.34
C THR B 91 19.20 4.20 7.34
N TRP B 92 19.41 3.88 8.60
CA TRP B 92 18.77 4.59 9.70
C TRP B 92 19.79 5.51 10.37
N LYS B 93 19.58 6.82 10.26
CA LYS B 93 20.37 7.81 11.01
C LYS B 93 19.77 7.88 12.39
N VAL B 94 20.49 7.36 13.37
CA VAL B 94 19.93 7.19 14.69
C VAL B 94 19.92 8.53 15.40
N PRO B 95 18.76 8.98 15.87
CA PRO B 95 18.74 10.25 16.63
C PRO B 95 19.54 10.17 17.93
N SER B 96 20.12 11.30 18.34
CA SER B 96 21.04 11.30 19.49
CA SER B 96 21.03 11.33 19.50
C SER B 96 20.36 10.83 20.77
N ASP B 97 19.12 11.21 20.97
CA ASP B 97 18.42 10.78 22.16
C ASP B 97 18.20 9.25 22.20
N ILE B 98 17.97 8.60 21.05
CA ILE B 98 17.89 7.15 21.00
C ILE B 98 19.29 6.53 21.16
N SER B 99 20.25 7.05 20.40
CA SER B 99 21.63 6.54 20.47
C SER B 99 22.15 6.50 21.90
N SER B 100 21.84 7.53 22.69
CA SER B 100 22.38 7.59 24.04
C SER B 100 21.80 6.56 24.99
N ILE B 101 20.70 5.91 24.62
CA ILE B 101 20.08 4.91 25.49
C ILE B 101 19.95 3.53 24.87
N ILE B 102 20.58 3.29 23.73
CA ILE B 102 20.52 1.94 23.16
C ILE B 102 21.12 0.93 24.14
N GLN B 103 20.44 -0.20 24.26
CA GLN B 103 20.89 -1.27 25.11
C GLN B 103 21.53 -2.36 24.25
N THR B 104 22.87 -2.38 24.25
CA THR B 104 23.59 -3.43 23.52
C THR B 104 23.82 -4.67 24.34
N GLN B 105 23.58 -4.59 25.65
CA GLN B 105 23.89 -5.67 26.57
C GLN B 105 22.64 -6.48 26.89
N TYR B 106 22.85 -7.60 27.55
CA TYR B 106 21.77 -8.38 28.17
C TYR B 106 20.65 -8.75 27.18
N GLY B 107 21.06 -9.09 25.96
CA GLY B 107 20.13 -9.56 24.95
C GLY B 107 19.52 -8.48 24.06
N GLY B 108 19.97 -7.23 24.20
CA GLY B 108 19.45 -6.16 23.36
C GLY B 108 19.64 -6.45 21.89
N GLU B 109 18.69 -5.94 21.10
CA GLU B 109 18.64 -6.16 19.65
C GLU B 109 18.38 -4.89 18.87
N ILE B 110 18.84 -4.91 17.62
CA ILE B 110 18.43 -3.98 16.59
C ILE B 110 17.45 -4.72 15.68
N LYS B 111 16.35 -4.05 15.34
CA LYS B 111 15.31 -4.66 14.52
C LYS B 111 15.02 -3.87 13.25
N PHE B 112 14.95 -4.59 12.15
CA PHE B 112 14.74 -4.04 10.82
C PHE B 112 13.34 -4.39 10.39
N GLY B 113 12.48 -3.39 10.34
CA GLY B 113 11.05 -3.58 10.03
C GLY B 113 10.79 -3.40 8.55
N VAL B 114 10.08 -4.37 7.97
CA VAL B 114 9.70 -4.31 6.55
C VAL B 114 8.18 -4.25 6.49
N TRP B 115 7.64 -3.05 6.28
CA TRP B 115 6.19 -2.91 6.14
C TRP B 115 5.73 -3.21 4.71
N TRP B 116 6.63 -3.05 3.74
CA TRP B 116 6.38 -3.33 2.33
C TRP B 116 7.71 -3.34 1.59
N ILE B 117 7.82 -4.19 0.58
CA ILE B 117 8.90 -4.08 -0.38
C ILE B 117 8.37 -4.58 -1.71
N ASP B 118 8.60 -3.79 -2.77
CA ASP B 118 8.06 -4.10 -4.09
C ASP B 118 8.47 -5.49 -4.57
N CYS B 119 9.76 -5.81 -4.44
CA CYS B 119 10.29 -7.08 -4.96
C CYS B 119 9.90 -8.36 -4.17
N ASP B 120 9.29 -8.19 -3.02
CA ASP B 120 8.88 -9.30 -2.13
C ASP B 120 10.04 -10.07 -1.48
N GLU B 121 10.79 -10.79 -2.28
CA GLU B 121 11.89 -11.62 -1.77
C GLU B 121 13.24 -10.88 -1.93
N PHE B 122 14.02 -10.88 -0.87
CA PHE B 122 15.32 -10.24 -0.90
C PHE B 122 16.19 -10.92 0.14
N THR B 123 17.48 -10.61 0.10
CA THR B 123 18.43 -11.14 1.11
C THR B 123 19.08 -10.00 1.83
N ILE B 124 19.17 -10.13 3.16
CA ILE B 124 19.97 -9.24 3.96
C ILE B 124 21.41 -9.76 3.90
N ASP B 125 22.23 -9.08 3.14
CA ASP B 125 23.62 -9.49 2.93
C ASP B 125 24.49 -9.07 4.10
N SER B 126 24.24 -7.87 4.63
CA SER B 126 25.00 -7.41 5.78
C SER B 126 24.22 -6.34 6.56
N VAL B 127 24.55 -6.24 7.85
CA VAL B 127 24.06 -5.15 8.69
C VAL B 127 25.30 -4.51 9.29
N VAL B 128 25.37 -3.18 9.18
CA VAL B 128 26.55 -2.43 9.60
C VAL B 128 26.12 -1.41 10.66
N LEU B 129 26.84 -1.37 11.77
CA LEU B 129 26.72 -0.30 12.76
C LEU B 129 27.87 0.67 12.52
N LYS B 130 27.53 1.95 12.37
CA LYS B 130 28.51 3.02 12.35
C LYS B 130 28.51 3.71 13.70
N LEU B 131 29.70 4.02 14.21
CA LEU B 131 29.86 4.59 15.52
C LEU B 131 30.24 6.08 15.48
N GLU B 132 29.87 6.78 16.53
CA GLU B 132 30.28 8.18 16.72
C GLU B 132 31.79 8.26 16.86
N HIS B 133 32.41 9.31 16.29
CA HIS B 133 33.81 9.73 16.66
C HIS B 133 33.75 10.98 17.55
N SER C 3 -17.70 -36.32 -2.24
CA SER C 3 -17.08 -35.71 -3.45
C SER C 3 -15.99 -34.76 -3.07
N ASP C 4 -15.29 -34.28 -4.08
CA ASP C 4 -14.02 -33.61 -3.84
C ASP C 4 -14.25 -32.14 -3.78
N GLY C 5 -15.34 -31.66 -4.37
CA GLY C 5 -15.42 -30.25 -4.53
C GLY C 5 -16.31 -29.80 -5.65
N TYR C 6 -16.29 -28.50 -5.84
CA TYR C 6 -17.10 -27.87 -6.86
C TYR C 6 -16.31 -26.73 -7.46
N THR C 7 -16.51 -26.51 -8.74
CA THR C 7 -15.84 -25.44 -9.45
C THR C 7 -16.86 -24.61 -10.19
N ILE C 8 -16.67 -23.29 -10.15
CA ILE C 8 -17.31 -22.40 -11.11
C ILE C 8 -16.27 -21.71 -11.96
N LYS C 9 -16.68 -21.31 -13.15
CA LYS C 9 -15.77 -20.69 -14.10
C LYS C 9 -16.38 -19.38 -14.54
N PRO C 10 -16.16 -18.33 -13.76
CA PRO C 10 -16.90 -17.11 -14.03
C PRO C 10 -16.31 -16.26 -15.15
N ASN C 11 -15.05 -16.51 -15.52
CA ASN C 11 -14.33 -15.73 -16.53
C ASN C 11 -14.56 -14.25 -16.26
N LYS C 12 -14.34 -13.83 -15.02
CA LYS C 12 -14.70 -12.50 -14.58
C LYS C 12 -13.48 -11.59 -14.62
N LYS C 13 -13.52 -10.58 -15.49
CA LYS C 13 -12.43 -9.60 -15.61
C LYS C 13 -12.56 -8.60 -14.47
N VAL C 14 -11.46 -8.37 -13.76
CA VAL C 14 -11.45 -7.48 -12.61
C VAL C 14 -10.32 -6.46 -12.86
N THR C 15 -10.64 -5.18 -12.70
CA THR C 15 -9.64 -4.11 -12.75
C THR C 15 -9.65 -3.49 -11.35
N TYR C 16 -8.66 -3.83 -10.55
CA TYR C 16 -8.60 -3.44 -9.15
C TYR C 16 -8.81 -1.93 -8.98
N SER C 17 -8.11 -1.15 -9.76
CA SER C 17 -8.18 0.31 -9.69
C SER C 17 -9.54 0.88 -10.05
N ALA C 18 -10.39 0.13 -10.74
CA ALA C 18 -11.73 0.63 -11.12
C ALA C 18 -12.78 0.22 -10.10
N LEU C 19 -12.42 -0.64 -9.15
CA LEU C 19 -13.34 -1.00 -8.09
C LEU C 19 -13.55 0.18 -7.14
N GLY C 20 -14.81 0.43 -6.82
CA GLY C 20 -15.11 1.37 -5.77
C GLY C 20 -14.71 0.80 -4.42
N GLU C 21 -14.64 1.67 -3.43
CA GLU C 21 -14.22 1.29 -2.11
C GLU C 21 -15.14 0.22 -1.50
N ASP C 22 -16.40 0.20 -1.95
CA ASP C 22 -17.40 -0.77 -1.50
C ASP C 22 -17.51 -2.01 -2.37
N GLU C 23 -16.61 -2.14 -3.36
CA GLU C 23 -16.70 -3.20 -4.35
C GLU C 23 -15.50 -4.12 -4.33
N ARG C 24 -14.65 -4.02 -3.31
CA ARG C 24 -13.39 -4.77 -3.35
C ARG C 24 -13.53 -6.22 -2.88
N MET C 25 -14.71 -6.62 -2.43
CA MET C 25 -14.98 -8.03 -2.21
C MET C 25 -15.91 -8.54 -3.31
N ILE C 26 -15.39 -9.48 -4.10
CA ILE C 26 -16.11 -10.00 -5.26
C ILE C 26 -16.85 -11.23 -4.78
N GLY C 27 -18.17 -11.20 -4.84
CA GLY C 27 -19.01 -12.27 -4.29
C GLY C 27 -19.47 -13.29 -5.31
N PHE C 28 -19.57 -14.53 -4.88
CA PHE C 28 -20.09 -15.64 -5.69
C PHE C 28 -21.08 -16.41 -4.81
N SER C 29 -22.27 -16.61 -5.32
CA SER C 29 -23.31 -17.30 -4.57
CA SER C 29 -23.32 -17.31 -4.61
C SER C 29 -22.94 -18.77 -4.48
N TYR C 30 -23.03 -19.32 -3.28
CA TYR C 30 -22.76 -20.73 -3.10
C TYR C 30 -23.69 -21.60 -3.96
N LYS C 31 -24.90 -21.12 -4.24
CA LYS C 31 -25.81 -21.88 -5.10
C LYS C 31 -25.26 -22.10 -6.53
N ASP C 32 -24.41 -21.20 -7.02
CA ASP C 32 -23.78 -21.37 -8.34
C ASP C 32 -22.87 -22.60 -8.38
N PHE C 33 -22.39 -23.05 -7.21
CA PHE C 33 -21.49 -24.20 -7.12
C PHE C 33 -22.21 -25.53 -7.09
N GLY C 34 -23.39 -25.57 -6.47
CA GLY C 34 -24.15 -26.82 -6.31
C GLY C 34 -23.83 -27.55 -5.02
N ILE C 35 -23.08 -26.90 -4.13
CA ILE C 35 -22.71 -27.48 -2.84
C ILE C 35 -23.93 -27.68 -1.93
N SER C 36 -23.90 -28.78 -1.18
CA SER C 36 -24.97 -29.07 -0.26
C SER C 36 -24.67 -28.47 1.11
N SER C 37 -25.74 -28.20 1.85
CA SER C 37 -25.62 -27.73 3.24
CA SER C 37 -25.68 -27.74 3.22
C SER C 37 -24.86 -28.70 4.12
N SER C 38 -24.79 -29.97 3.74
CA SER C 38 -24.16 -31.00 4.58
C SER C 38 -22.64 -31.09 4.41
N GLU C 39 -22.10 -30.40 3.41
CA GLU C 39 -20.70 -30.59 3.02
C GLU C 39 -19.86 -29.50 3.65
N LYS C 40 -18.69 -29.87 4.17
CA LYS C 40 -17.84 -28.91 4.89
CA LYS C 40 -17.87 -28.91 4.87
C LYS C 40 -16.72 -28.47 3.96
N ILE C 41 -16.57 -27.17 3.81
CA ILE C 41 -15.53 -26.61 2.96
C ILE C 41 -14.23 -26.53 3.77
N THR C 42 -13.15 -27.08 3.22
CA THR C 42 -11.81 -26.95 3.84
C THR C 42 -10.91 -25.93 3.18
N GLU C 43 -11.10 -25.67 1.87
CA GLU C 43 -10.34 -24.66 1.17
C GLU C 43 -11.15 -24.02 0.09
N VAL C 44 -10.84 -22.75 -0.15
CA VAL C 44 -11.35 -22.03 -1.30
C VAL C 44 -10.16 -21.64 -2.13
N GLN C 45 -10.18 -21.97 -3.42
CA GLN C 45 -9.10 -21.65 -4.33
C GLN C 45 -9.61 -20.74 -5.42
N VAL C 46 -8.92 -19.61 -5.61
CA VAL C 46 -9.27 -18.68 -6.68
C VAL C 46 -8.13 -18.69 -7.70
N ASN C 47 -8.44 -19.14 -8.91
CA ASN C 47 -7.49 -19.27 -9.98
C ASN C 47 -7.60 -18.08 -10.91
N ILE C 48 -6.51 -17.33 -10.99
CA ILE C 48 -6.51 -16.08 -11.72
C ILE C 48 -5.43 -16.08 -12.78
N SER C 49 -5.62 -15.23 -13.77
CA SER C 49 -4.63 -15.01 -14.81
C SER C 49 -4.64 -13.56 -15.25
N ALA C 50 -3.58 -13.16 -15.92
CA ALA C 50 -3.43 -11.80 -16.39
C ALA C 50 -2.59 -11.79 -17.66
N ASN C 51 -2.54 -10.64 -18.32
CA ASN C 51 -1.73 -10.53 -19.54
CA ASN C 51 -1.74 -10.50 -19.54
C ASN C 51 -0.29 -10.11 -19.25
N LYS C 52 0.05 -9.98 -17.97
CA LYS C 52 1.42 -9.73 -17.54
C LYS C 52 1.62 -10.38 -16.18
N ASN C 53 2.83 -10.29 -15.65
CA ASN C 53 3.15 -10.93 -14.38
C ASN C 53 2.29 -10.33 -13.30
N ILE C 54 1.70 -11.20 -12.48
CA ILE C 54 0.69 -10.76 -11.51
C ILE C 54 1.29 -9.98 -10.34
N GLY C 55 2.39 -10.47 -9.79
CA GLY C 55 3.03 -9.83 -8.66
C GLY C 55 2.30 -10.10 -7.36
N LYS C 56 2.32 -9.12 -6.46
CA LYS C 56 1.77 -9.25 -5.13
C LYS C 56 0.27 -8.98 -5.07
N TYR C 57 -0.41 -9.88 -4.39
CA TYR C 57 -1.82 -9.80 -4.04
C TYR C 57 -1.90 -9.66 -2.51
N VAL C 58 -2.78 -8.79 -2.05
CA VAL C 58 -3.12 -8.70 -0.66
C VAL C 58 -4.63 -8.72 -0.59
N GLY C 59 -5.19 -9.58 0.26
CA GLY C 59 -6.64 -9.62 0.41
C GLY C 59 -7.09 -10.57 1.50
N GLN C 60 -8.38 -10.79 1.55
CA GLN C 60 -9.04 -11.63 2.53
C GLN C 60 -10.27 -12.22 1.91
N PHE C 61 -10.68 -13.36 2.43
CA PHE C 61 -11.95 -13.97 2.08
C PHE C 61 -12.98 -13.72 3.17
N GLY C 62 -14.22 -13.74 2.76
CA GLY C 62 -15.34 -13.68 3.69
C GLY C 62 -16.41 -14.64 3.27
N THR C 63 -17.26 -15.03 4.23
CA THR C 63 -18.32 -15.96 3.95
C THR C 63 -19.55 -15.69 4.80
N SER C 64 -20.70 -15.92 4.21
CA SER C 64 -21.93 -16.02 4.97
C SER C 64 -21.81 -17.18 5.94
N THR C 65 -22.40 -17.01 7.12
CA THR C 65 -22.48 -18.06 8.14
C THR C 65 -23.87 -18.09 8.76
N THR C 66 -24.11 -19.11 9.58
CA THR C 66 -25.31 -19.27 10.36
C THR C 66 -25.21 -18.67 11.77
N ASP C 67 -24.16 -17.90 12.06
CA ASP C 67 -23.84 -17.41 13.41
C ASP C 67 -24.45 -15.99 13.57
N SER C 68 -25.69 -15.95 14.04
CA SER C 68 -26.42 -14.70 14.19
C SER C 68 -25.69 -13.70 15.11
N ALA C 69 -25.00 -14.20 16.13
CA ALA C 69 -24.31 -13.35 17.08
C ALA C 69 -23.14 -12.64 16.47
N ASN C 70 -22.63 -13.15 15.37
CA ASN C 70 -21.54 -12.54 14.64
C ASN C 70 -22.00 -12.05 13.27
N GLY C 71 -23.26 -11.65 13.20
CA GLY C 71 -23.80 -10.99 12.00
C GLY C 71 -23.86 -11.83 10.74
N TYR C 72 -23.86 -13.16 10.90
CA TYR C 72 -23.99 -14.09 9.80
C TYR C 72 -22.84 -13.95 8.79
N TRP C 73 -21.67 -13.57 9.28
CA TRP C 73 -20.55 -13.24 8.41
C TRP C 73 -19.24 -13.50 9.13
N ALA C 74 -18.30 -14.07 8.41
CA ALA C 74 -16.96 -14.29 8.99
C ALA C 74 -15.92 -14.05 7.91
N MET C 75 -14.79 -13.49 8.33
CA MET C 75 -13.67 -13.28 7.42
C MET C 75 -12.47 -14.11 7.83
N GLY C 76 -11.72 -14.55 6.84
CA GLY C 76 -10.47 -15.22 7.10
C GLY C 76 -9.33 -14.24 7.31
N ASP C 77 -8.17 -14.82 7.58
CA ASP C 77 -6.95 -14.05 7.79
C ASP C 77 -6.55 -13.31 6.53
N GLU C 78 -5.87 -12.20 6.71
CA GLU C 78 -5.28 -11.53 5.55
C GLU C 78 -4.28 -12.44 4.90
N ILE C 79 -4.28 -12.42 3.58
CA ILE C 79 -3.35 -13.16 2.77
C ILE C 79 -2.51 -12.17 1.98
N THR C 80 -1.20 -12.38 2.00
CA THR C 80 -0.28 -11.70 1.09
C THR C 80 0.41 -12.79 0.30
N GLN C 81 0.40 -12.67 -1.02
CA GLN C 81 1.00 -13.67 -1.87
C GLN C 81 1.63 -13.03 -3.07
N SER C 82 2.78 -13.53 -3.47
CA SER C 82 3.38 -13.09 -4.69
C SER C 82 3.19 -14.19 -5.75
N ILE C 83 2.67 -13.81 -6.92
CA ILE C 83 2.54 -14.73 -8.08
C ILE C 83 3.51 -14.27 -9.14
N SER C 84 4.50 -15.09 -9.46
CA SER C 84 5.60 -14.57 -10.25
C SER C 84 5.28 -14.49 -11.74
N GLY C 85 4.41 -15.36 -12.25
CA GLY C 85 4.04 -15.37 -13.69
C GLY C 85 2.65 -14.81 -13.99
N ASN C 86 2.07 -15.25 -15.11
CA ASN C 86 0.82 -14.70 -15.62
C ASN C 86 -0.41 -15.43 -15.12
N SER C 87 -0.23 -16.44 -14.28
CA SER C 87 -1.37 -17.12 -13.68
C SER C 87 -0.96 -17.71 -12.34
N GLY C 88 -1.93 -17.86 -11.46
CA GLY C 88 -1.68 -18.41 -10.15
C GLY C 88 -2.95 -18.69 -9.41
N THR C 89 -2.78 -19.14 -8.17
CA THR C 89 -3.88 -19.58 -7.36
C THR C 89 -3.77 -18.96 -5.97
N ILE C 90 -4.83 -18.32 -5.52
CA ILE C 90 -4.92 -17.82 -4.16
C ILE C 90 -5.79 -18.79 -3.35
N THR C 91 -5.27 -19.28 -2.24
CA THR C 91 -5.93 -20.32 -1.48
C THR C 91 -6.25 -19.83 -0.08
N TRP C 92 -7.50 -20.01 0.32
CA TRP C 92 -7.90 -19.79 1.69
C TRP C 92 -8.11 -21.14 2.36
N LYS C 93 -7.28 -21.44 3.36
CA LYS C 93 -7.48 -22.62 4.20
C LYS C 93 -8.49 -22.23 5.24
N VAL C 94 -9.69 -22.79 5.14
CA VAL C 94 -10.79 -22.34 5.97
C VAL C 94 -10.65 -22.95 7.38
N PRO C 95 -10.61 -22.11 8.41
CA PRO C 95 -10.52 -22.65 9.78
C PRO C 95 -11.77 -23.46 10.15
N SER C 96 -11.59 -24.47 10.99
CA SER C 96 -12.66 -25.41 11.31
C SER C 96 -13.87 -24.74 11.92
N ASP C 97 -13.64 -23.73 12.77
CA ASP C 97 -14.75 -23.05 13.40
C ASP C 97 -15.60 -22.24 12.39
N ILE C 98 -14.96 -21.68 11.35
CA ILE C 98 -15.75 -21.03 10.29
C ILE C 98 -16.42 -22.08 9.41
N SER C 99 -15.65 -23.07 8.97
CA SER C 99 -16.19 -24.13 8.14
C SER C 99 -17.47 -24.73 8.71
N SER C 100 -17.51 -24.92 10.03
CA SER C 100 -18.66 -25.58 10.64
C SER C 100 -19.93 -24.75 10.62
N ILE C 101 -19.82 -23.45 10.33
CA ILE C 101 -20.98 -22.57 10.32
C ILE C 101 -21.22 -21.88 8.99
N ILE C 102 -20.51 -22.26 7.93
CA ILE C 102 -20.75 -21.61 6.63
C ILE C 102 -22.20 -21.82 6.19
N GLN C 103 -22.81 -20.75 5.68
CA GLN C 103 -24.17 -20.79 5.18
C GLN C 103 -24.15 -20.84 3.66
N THR C 104 -24.39 -22.01 3.09
CA THR C 104 -24.47 -22.19 1.63
C THR C 104 -25.87 -21.97 1.05
N GLN C 105 -26.87 -21.85 1.91
CA GLN C 105 -28.30 -21.75 1.55
CA GLN C 105 -28.21 -21.68 1.37
C GLN C 105 -28.75 -20.30 1.70
N TYR C 106 -29.98 -20.01 1.27
CA TYR C 106 -30.63 -18.72 1.54
C TYR C 106 -29.81 -17.53 1.14
N GLY C 107 -29.14 -17.66 -0.01
CA GLY C 107 -28.43 -16.57 -0.59
C GLY C 107 -26.99 -16.44 -0.12
N GLY C 108 -26.51 -17.40 0.65
CA GLY C 108 -25.14 -17.31 1.18
C GLY C 108 -24.11 -17.22 0.05
N GLU C 109 -23.03 -16.51 0.34
CA GLU C 109 -21.98 -16.22 -0.61
C GLU C 109 -20.61 -16.44 -0.02
N ILE C 110 -19.66 -16.71 -0.92
CA ILE C 110 -18.23 -16.65 -0.64
C ILE C 110 -17.71 -15.38 -1.35
N LYS C 111 -16.92 -14.60 -0.63
CA LYS C 111 -16.42 -13.35 -1.17
C LYS C 111 -14.92 -13.32 -1.18
N PHE C 112 -14.38 -12.90 -2.32
CA PHE C 112 -12.94 -12.82 -2.57
C PHE C 112 -12.55 -11.37 -2.52
N GLY C 113 -11.84 -10.98 -1.47
CA GLY C 113 -11.46 -9.59 -1.25
C GLY C 113 -10.11 -9.31 -1.90
N VAL C 114 -10.04 -8.20 -2.65
CA VAL C 114 -8.80 -7.74 -3.25
C VAL C 114 -8.46 -6.38 -2.68
N TRP C 115 -7.55 -6.33 -1.71
CA TRP C 115 -7.13 -5.08 -1.12
C TRP C 115 -6.05 -4.41 -1.96
N TRP C 116 -5.31 -5.20 -2.72
CA TRP C 116 -4.27 -4.73 -3.64
C TRP C 116 -3.89 -5.87 -4.57
N ILE C 117 -3.57 -5.54 -5.82
CA ILE C 117 -2.88 -6.47 -6.70
C ILE C 117 -2.00 -5.68 -7.66
N ASP C 118 -0.73 -6.08 -7.76
CA ASP C 118 0.25 -5.33 -8.52
C ASP C 118 -0.14 -5.18 -9.99
N CYS C 119 -0.58 -6.25 -10.61
CA CYS C 119 -1.07 -6.24 -11.98
CA CYS C 119 -1.09 -6.22 -11.96
C CYS C 119 -2.54 -5.88 -11.72
N ASP C 120 -2.90 -4.67 -11.98
CA ASP C 120 -4.21 -4.16 -11.69
C ASP C 120 -5.35 -5.01 -12.28
N GLU C 121 -5.18 -5.42 -13.53
CA GLU C 121 -6.20 -6.15 -14.30
C GLU C 121 -5.91 -7.62 -14.32
N PHE C 122 -6.92 -8.42 -14.02
CA PHE C 122 -6.77 -9.86 -14.01
C PHE C 122 -8.12 -10.47 -14.25
N THR C 123 -8.13 -11.76 -14.53
CA THR C 123 -9.38 -12.50 -14.72
C THR C 123 -9.46 -13.62 -13.69
N ILE C 124 -10.65 -13.74 -13.09
CA ILE C 124 -10.94 -14.88 -12.23
C ILE C 124 -11.43 -15.98 -13.17
N ASP C 125 -10.54 -16.94 -13.41
CA ASP C 125 -10.84 -18.04 -14.35
C ASP C 125 -11.71 -19.09 -13.68
N SER C 126 -11.43 -19.40 -12.43
CA SER C 126 -12.25 -20.35 -11.71
C SER C 126 -12.17 -20.12 -10.20
N VAL C 127 -13.20 -20.56 -9.50
CA VAL C 127 -13.24 -20.60 -8.05
C VAL C 127 -13.59 -22.02 -7.69
N VAL C 128 -12.80 -22.61 -6.79
CA VAL C 128 -12.93 -24.01 -6.45
C VAL C 128 -13.14 -24.14 -4.93
N LEU C 129 -14.16 -24.89 -4.54
CA LEU C 129 -14.37 -25.28 -3.16
C LEU C 129 -13.87 -26.70 -2.99
N LYS C 130 -13.00 -26.91 -2.01
CA LYS C 130 -12.53 -28.24 -1.66
C LYS C 130 -13.22 -28.66 -0.38
N LEU C 131 -13.65 -29.91 -0.34
CA LEU C 131 -14.46 -30.40 0.80
C LEU C 131 -13.65 -31.30 1.71
N GLU C 132 -14.04 -31.34 2.98
CA GLU C 132 -13.49 -32.29 3.94
C GLU C 132 -13.77 -33.72 3.55
N HIS C 133 -12.78 -34.60 3.78
CA HIS C 133 -12.93 -36.06 3.88
C HIS C 133 -13.35 -36.68 2.55
#